data_1QWZ
#
_entry.id   1QWZ
#
_cell.length_a   73.482
_cell.length_b   61.566
_cell.length_c   45.727
_cell.angle_alpha   90.00
_cell.angle_beta   91.58
_cell.angle_gamma   90.00
#
_symmetry.space_group_name_H-M   'C 1 2 1'
#
loop_
_entity.id
_entity.type
_entity.pdbx_description
1 polymer 'NPQTN specific sortase B'
2 non-polymer 'NICKEL (II) ION'
3 non-polymer 'SULFATE ION'
4 non-polymer '2-(TRIMETHYLAMMONIUM)ETHYL THIOL'
5 water water
#
_entity_poly.entity_id   1
_entity_poly.type   'polypeptide(L)'
_entity_poly.pdbx_seq_one_letter_code
;GHHHHHHHHHHSSGHISGDAMEDKQERANYEKLQQKFQMLMSKHQAHVRPQFESLEKINKDIVGWIKLSGTSLNYPVLQG
KTNHDYLNLDFEREHRRKGSIFMDFRNELKNLNHNTILYGHHVGDNTMFDVLEDYLKQSFYEKHKIIEFDNKYGKYQLQV
FSAYKTTTKDNYIRTDFENDQDYQQFLDETKRKSVINSDVNVTVKDRIMTLSTCEDAYSETTKRIVVVAKIIKVS
;
_entity_poly.pdbx_strand_id   A
#
# COMPACT_ATOMS: atom_id res chain seq x y z
N GLY A 1 22.99 4.68 -19.59
CA GLY A 1 22.16 3.90 -20.54
C GLY A 1 20.71 3.80 -20.11
N HIS A 2 20.28 2.60 -19.73
CA HIS A 2 18.91 2.36 -19.29
C HIS A 2 18.92 1.63 -17.95
N HIS A 3 19.03 2.39 -16.87
CA HIS A 3 19.07 1.80 -15.53
C HIS A 3 17.89 2.19 -14.65
N HIS A 4 17.30 1.21 -14.00
CA HIS A 4 16.15 1.43 -13.14
C HIS A 4 16.58 1.78 -11.72
N HIS A 5 17.80 1.40 -11.36
CA HIS A 5 18.31 1.66 -10.02
C HIS A 5 19.68 2.32 -10.03
N HIS A 6 20.06 2.87 -8.87
CA HIS A 6 21.35 3.54 -8.73
C HIS A 6 22.47 2.54 -9.07
N HIS A 7 22.40 1.36 -8.45
CA HIS A 7 23.37 0.30 -8.67
C HIS A 7 22.67 -0.89 -9.30
N HIS A 8 23.42 -1.76 -9.98
CA HIS A 8 22.79 -2.93 -10.57
C HIS A 8 22.50 -3.95 -9.47
N HIS A 9 21.33 -4.58 -9.54
CA HIS A 9 20.96 -5.56 -8.52
C HIS A 9 20.81 -6.96 -9.10
N HIS A 10 21.62 -7.89 -8.63
CA HIS A 10 21.53 -9.28 -9.08
C HIS A 10 20.29 -9.90 -8.46
N HIS A 11 19.62 -10.78 -9.21
CA HIS A 11 18.40 -11.44 -8.74
C HIS A 11 18.58 -12.88 -8.29
N SER A 12 19.64 -13.53 -8.78
CA SER A 12 19.89 -14.92 -8.41
C SER A 12 20.78 -14.98 -7.17
N SER A 13 20.34 -15.74 -6.17
CA SER A 13 21.10 -15.85 -4.92
C SER A 13 22.56 -16.18 -5.18
N GLY A 14 22.82 -17.00 -6.20
CA GLY A 14 24.18 -17.37 -6.51
C GLY A 14 25.07 -16.22 -6.94
N HIS A 15 24.47 -15.12 -7.37
CA HIS A 15 25.24 -13.98 -7.82
C HIS A 15 25.09 -12.75 -6.94
N ILE A 16 24.28 -12.87 -5.90
CA ILE A 16 24.10 -11.77 -4.96
C ILE A 16 25.27 -11.84 -3.99
N SER A 17 26.02 -10.74 -3.89
CA SER A 17 27.17 -10.69 -3.00
C SER A 17 27.07 -9.52 -2.02
N GLY A 18 27.98 -9.49 -1.05
CA GLY A 18 27.98 -8.42 -0.07
C GLY A 18 27.20 -8.76 1.18
N ASP A 19 26.92 -7.73 1.99
CA ASP A 19 26.17 -7.92 3.22
C ASP A 19 24.67 -7.98 2.94
N ALA A 20 23.91 -8.39 3.93
CA ALA A 20 22.46 -8.49 3.82
C ALA A 20 22.04 -9.24 2.56
N MET A 21 22.43 -10.52 2.48
CA MET A 21 22.09 -11.34 1.33
C MET A 21 20.57 -11.52 1.27
N GLU A 22 19.98 -11.85 2.41
CA GLU A 22 18.53 -12.04 2.49
C GLU A 22 17.73 -10.82 2.06
N ASP A 23 18.08 -9.66 2.59
CA ASP A 23 17.38 -8.43 2.24
C ASP A 23 17.47 -8.20 0.74
N LYS A 24 18.64 -8.46 0.17
CA LYS A 24 18.83 -8.29 -1.26
C LYS A 24 18.00 -9.30 -2.06
N GLN A 25 17.84 -10.49 -1.52
CA GLN A 25 17.03 -11.51 -2.20
C GLN A 25 15.57 -11.09 -2.17
N GLU A 26 15.13 -10.58 -1.03
CA GLU A 26 13.76 -10.13 -0.87
C GLU A 26 13.52 -8.99 -1.86
N ARG A 27 14.49 -8.08 -1.94
CA ARG A 27 14.38 -6.95 -2.85
C ARG A 27 14.31 -7.45 -4.29
N ALA A 28 15.13 -8.44 -4.60
CA ALA A 28 15.16 -9.02 -5.95
C ALA A 28 13.79 -9.58 -6.32
N ASN A 29 13.15 -10.29 -5.41
CA ASN A 29 11.85 -10.87 -5.68
C ASN A 29 10.81 -9.80 -6.00
N TYR A 30 10.88 -8.65 -5.32
CA TYR A 30 9.94 -7.58 -5.59
C TYR A 30 10.25 -6.94 -6.94
N GLU A 31 11.54 -6.80 -7.26
CA GLU A 31 11.92 -6.22 -8.54
C GLU A 31 11.42 -7.12 -9.68
N LYS A 32 11.55 -8.43 -9.49
CA LYS A 32 11.08 -9.40 -10.49
C LYS A 32 9.57 -9.28 -10.69
N LEU A 33 8.83 -9.21 -9.58
CA LEU A 33 7.39 -9.10 -9.65
C LEU A 33 6.96 -7.76 -10.26
N GLN A 34 7.66 -6.68 -9.90
CA GLN A 34 7.32 -5.36 -10.42
C GLN A 34 7.47 -5.38 -11.95
N GLN A 35 8.47 -6.10 -12.42
CA GLN A 35 8.72 -6.23 -13.86
C GLN A 35 7.60 -6.99 -14.54
N LYS A 36 7.20 -8.11 -13.94
CA LYS A 36 6.12 -8.92 -14.47
C LYS A 36 4.84 -8.09 -14.57
N PHE A 37 4.54 -7.34 -13.51
CA PHE A 37 3.34 -6.51 -13.48
C PHE A 37 3.41 -5.36 -14.48
N GLN A 38 4.58 -4.72 -14.57
CA GLN A 38 4.73 -3.62 -15.52
C GLN A 38 4.48 -4.08 -16.95
N MET A 39 5.01 -5.25 -17.30
CA MET A 39 4.81 -5.79 -18.64
C MET A 39 3.33 -6.12 -18.85
N LEU A 40 2.69 -6.66 -17.83
CA LEU A 40 1.27 -7.00 -17.91
C LEU A 40 0.45 -5.74 -18.18
N MET A 41 0.76 -4.66 -17.45
CA MET A 41 0.05 -3.40 -17.62
C MET A 41 0.21 -2.80 -19.01
N SER A 42 1.44 -2.79 -19.51
CA SER A 42 1.71 -2.22 -20.82
C SER A 42 1.05 -3.04 -21.92
N LYS A 43 0.81 -4.31 -21.64
CA LYS A 43 0.20 -5.24 -22.58
C LYS A 43 -1.32 -5.08 -22.64
N HIS A 44 -1.97 -5.05 -21.49
CA HIS A 44 -3.42 -4.91 -21.41
C HIS A 44 -3.79 -3.46 -21.16
N GLN A 45 -3.45 -2.61 -22.12
CA GLN A 45 -3.71 -1.17 -22.05
C GLN A 45 -5.18 -0.76 -21.91
N ALA A 46 -6.10 -1.65 -22.26
CA ALA A 46 -7.52 -1.31 -22.17
C ALA A 46 -8.26 -1.99 -21.02
N HIS A 47 -7.60 -2.93 -20.35
CA HIS A 47 -8.23 -3.63 -19.24
C HIS A 47 -7.35 -3.71 -18.01
N VAL A 48 -7.80 -4.48 -17.02
CA VAL A 48 -7.05 -4.66 -15.79
C VAL A 48 -7.28 -6.06 -15.21
N ARG A 49 -8.37 -6.71 -15.61
CA ARG A 49 -8.68 -8.05 -15.11
C ARG A 49 -7.60 -9.06 -15.46
N PRO A 50 -7.18 -9.11 -16.73
CA PRO A 50 -6.14 -10.06 -17.17
C PRO A 50 -4.84 -9.92 -16.38
N GLN A 51 -4.49 -8.68 -16.05
CA GLN A 51 -3.26 -8.42 -15.29
C GLN A 51 -3.30 -9.14 -13.94
N PHE A 52 -4.43 -9.06 -13.27
CA PHE A 52 -4.53 -9.71 -11.97
C PHE A 52 -4.82 -11.20 -12.04
N GLU A 53 -5.45 -11.66 -13.12
CA GLU A 53 -5.70 -13.09 -13.24
C GLU A 53 -4.32 -13.74 -13.38
N SER A 54 -3.40 -13.02 -14.01
CA SER A 54 -2.03 -13.51 -14.20
C SER A 54 -1.30 -13.56 -12.86
N LEU A 55 -1.46 -12.51 -12.06
CA LEU A 55 -0.80 -12.46 -10.76
C LEU A 55 -1.38 -13.53 -9.83
N GLU A 56 -2.68 -13.80 -9.95
CA GLU A 56 -3.32 -14.79 -9.10
C GLU A 56 -2.73 -16.18 -9.27
N LYS A 57 -2.06 -16.42 -10.41
CA LYS A 57 -1.43 -17.70 -10.66
C LYS A 57 -0.28 -17.89 -9.68
N ILE A 58 0.31 -16.78 -9.26
CA ILE A 58 1.41 -16.82 -8.31
C ILE A 58 0.83 -17.05 -6.92
N ASN A 59 -0.19 -16.28 -6.58
CA ASN A 59 -0.87 -16.36 -5.28
C ASN A 59 -2.27 -15.74 -5.44
N LYS A 60 -3.31 -16.53 -5.21
CA LYS A 60 -4.68 -16.04 -5.34
C LYS A 60 -4.99 -14.90 -4.38
N ASP A 61 -4.17 -14.77 -3.33
CA ASP A 61 -4.36 -13.72 -2.34
C ASP A 61 -3.88 -12.35 -2.80
N ILE A 62 -3.28 -12.27 -3.98
CA ILE A 62 -2.82 -10.98 -4.51
C ILE A 62 -4.09 -10.34 -5.05
N VAL A 63 -4.58 -9.32 -4.36
CA VAL A 63 -5.82 -8.66 -4.75
C VAL A 63 -5.67 -7.27 -5.34
N GLY A 64 -4.45 -6.75 -5.36
CA GLY A 64 -4.24 -5.43 -5.90
C GLY A 64 -2.78 -5.08 -6.02
N TRP A 65 -2.52 -3.83 -6.43
CA TRP A 65 -1.16 -3.33 -6.58
C TRP A 65 -1.16 -1.86 -6.21
N ILE A 66 -0.15 -1.42 -5.47
CA ILE A 66 -0.07 -0.03 -5.07
C ILE A 66 1.28 0.52 -5.51
N LYS A 67 1.27 1.71 -6.11
CA LYS A 67 2.50 2.29 -6.62
C LYS A 67 2.53 3.82 -6.60
N LEU A 68 3.63 4.37 -6.13
CA LEU A 68 3.81 5.81 -6.10
C LEU A 68 5.10 6.08 -6.85
N SER A 69 4.99 6.77 -7.99
CA SER A 69 6.15 7.07 -8.82
C SER A 69 7.20 7.87 -8.06
N GLY A 70 8.46 7.56 -8.34
CA GLY A 70 9.56 8.26 -7.69
C GLY A 70 9.85 7.83 -6.27
N THR A 71 9.27 6.71 -5.84
CA THR A 71 9.48 6.20 -4.48
C THR A 71 9.57 4.68 -4.52
N SER A 72 9.85 4.06 -3.37
CA SER A 72 9.99 2.61 -3.30
C SER A 72 8.63 1.89 -3.20
N LEU A 73 7.55 2.65 -3.06
CA LEU A 73 6.22 2.06 -2.97
C LEU A 73 5.79 1.53 -4.33
N ASN A 74 5.95 0.24 -4.54
CA ASN A 74 5.61 -0.41 -5.81
C ASN A 74 5.47 -1.88 -5.45
N TYR A 75 4.33 -2.23 -4.84
CA TYR A 75 4.13 -3.60 -4.37
C TYR A 75 2.76 -4.22 -4.57
N PRO A 76 2.70 -5.56 -4.56
CA PRO A 76 1.41 -6.24 -4.71
C PRO A 76 0.69 -6.08 -3.39
N VAL A 77 -0.64 -6.11 -3.42
CA VAL A 77 -1.43 -6.00 -2.19
C VAL A 77 -2.07 -7.35 -1.91
N LEU A 78 -1.76 -7.90 -0.74
CA LEU A 78 -2.27 -9.22 -0.32
C LEU A 78 -3.48 -9.08 0.61
N GLN A 79 -4.31 -10.12 0.62
CA GLN A 79 -5.45 -10.14 1.53
C GLN A 79 -5.66 -11.58 1.99
N GLY A 80 -5.74 -11.76 3.31
CA GLY A 80 -5.96 -13.08 3.87
C GLY A 80 -7.25 -13.07 4.65
N LYS A 81 -7.41 -14.03 5.56
CA LYS A 81 -8.62 -14.13 6.36
C LYS A 81 -8.53 -13.35 7.67
N THR A 82 -7.32 -12.92 8.02
CA THR A 82 -7.11 -12.12 9.23
C THR A 82 -6.17 -10.98 8.88
N ASN A 83 -5.94 -10.08 9.83
CA ASN A 83 -5.05 -8.96 9.60
C ASN A 83 -3.61 -9.26 10.00
N HIS A 84 -3.28 -10.55 10.11
CA HIS A 84 -1.91 -10.94 10.41
C HIS A 84 -1.46 -12.07 9.49
N ASP A 85 -2.34 -12.54 8.61
CA ASP A 85 -1.99 -13.60 7.67
C ASP A 85 -0.71 -13.24 6.92
N TYR A 86 -0.67 -12.03 6.40
CA TYR A 86 0.49 -11.56 5.65
C TYR A 86 1.32 -10.52 6.38
N LEU A 87 1.22 -10.49 7.70
CA LEU A 87 2.00 -9.54 8.49
C LEU A 87 3.48 -9.89 8.34
N ASN A 88 3.79 -11.18 8.40
CA ASN A 88 5.16 -11.64 8.29
C ASN A 88 5.34 -12.71 7.20
N LEU A 89 4.55 -12.60 6.13
CA LEU A 89 4.62 -13.51 4.98
C LEU A 89 4.62 -12.67 3.71
N ASP A 90 5.44 -13.04 2.72
CA ASP A 90 5.47 -12.27 1.49
C ASP A 90 4.47 -12.81 0.47
N PHE A 91 4.46 -12.26 -0.73
CA PHE A 91 3.53 -12.69 -1.76
C PHE A 91 3.74 -14.12 -2.23
N GLU A 92 4.89 -14.70 -1.90
CA GLU A 92 5.22 -16.08 -2.26
C GLU A 92 4.84 -17.00 -1.10
N ARG A 93 4.28 -16.41 -0.06
CA ARG A 93 3.90 -17.15 1.14
C ARG A 93 5.16 -17.68 1.83
N GLU A 94 6.23 -16.90 1.76
CA GLU A 94 7.48 -17.23 2.42
C GLU A 94 7.59 -16.32 3.64
N HIS A 95 8.14 -16.84 4.73
CA HIS A 95 8.30 -16.06 5.94
C HIS A 95 9.33 -14.94 5.77
N ARG A 96 8.89 -13.72 6.04
CA ARG A 96 9.72 -12.52 5.92
C ARG A 96 9.29 -11.55 7.02
N ARG A 97 10.26 -11.00 7.74
CA ARG A 97 9.96 -10.06 8.81
C ARG A 97 9.07 -8.92 8.34
N LYS A 98 9.39 -8.34 7.18
CA LYS A 98 8.61 -7.24 6.66
C LYS A 98 7.27 -7.62 6.04
N GLY A 99 7.07 -8.92 5.82
CA GLY A 99 5.82 -9.40 5.26
C GLY A 99 5.38 -8.73 3.97
N SER A 100 4.09 -8.41 3.87
CA SER A 100 3.56 -7.78 2.66
C SER A 100 2.74 -6.54 2.99
N ILE A 101 2.32 -5.86 1.93
CA ILE A 101 1.42 -4.74 2.08
C ILE A 101 0.13 -5.54 1.98
N PHE A 102 -0.74 -5.40 2.97
CA PHE A 102 -1.96 -6.18 2.91
C PHE A 102 -3.22 -5.41 3.22
N MET A 103 -4.32 -5.87 2.65
CA MET A 103 -5.60 -5.23 2.85
C MET A 103 -6.34 -5.88 4.01
N ASP A 104 -7.08 -5.06 4.75
CA ASP A 104 -7.84 -5.54 5.89
C ASP A 104 -8.74 -6.68 5.37
N PHE A 105 -8.84 -7.75 6.16
CA PHE A 105 -9.64 -8.92 5.77
C PHE A 105 -11.12 -8.62 5.53
N ARG A 106 -11.61 -7.56 6.16
CA ARG A 106 -13.02 -7.19 6.03
C ARG A 106 -13.39 -6.53 4.72
N ASN A 107 -12.40 -5.94 4.05
CA ASN A 107 -12.67 -5.20 2.81
C ASN A 107 -13.02 -5.99 1.56
N GLU A 108 -13.86 -5.36 0.74
CA GLU A 108 -14.30 -5.92 -0.53
C GLU A 108 -13.49 -5.31 -1.65
N LEU A 109 -13.41 -6.02 -2.78
CA LEU A 109 -12.63 -5.57 -3.92
C LEU A 109 -13.47 -5.07 -5.08
N LYS A 110 -14.48 -5.86 -5.46
CA LYS A 110 -15.35 -5.52 -6.58
C LYS A 110 -16.04 -4.19 -6.33
N ASN A 111 -16.77 -4.10 -5.22
CA ASN A 111 -17.45 -2.86 -4.84
C ASN A 111 -16.85 -2.44 -3.50
N LEU A 112 -15.95 -1.46 -3.55
CA LEU A 112 -15.26 -0.97 -2.36
C LEU A 112 -16.16 -0.48 -1.24
N ASN A 113 -15.72 -0.72 0.00
CA ASN A 113 -16.46 -0.27 1.17
C ASN A 113 -16.18 1.22 1.34
N HIS A 114 -16.79 1.85 2.33
CA HIS A 114 -16.56 3.27 2.55
C HIS A 114 -15.09 3.55 2.81
N ASN A 115 -14.46 2.72 3.64
CA ASN A 115 -13.05 2.90 3.96
C ASN A 115 -12.27 1.61 3.74
N THR A 116 -11.35 1.62 2.78
CA THR A 116 -10.54 0.44 2.48
C THR A 116 -9.20 0.66 3.19
N ILE A 117 -8.78 -0.32 3.98
CA ILE A 117 -7.54 -0.20 4.75
C ILE A 117 -6.41 -1.12 4.32
N LEU A 118 -5.24 -0.54 4.11
CA LEU A 118 -4.05 -1.31 3.74
C LEU A 118 -3.04 -1.11 4.84
N TYR A 119 -2.29 -2.16 5.16
CA TYR A 119 -1.28 -2.12 6.21
C TYR A 119 0.08 -2.51 5.66
N GLY A 120 1.14 -2.04 6.31
CA GLY A 120 2.48 -2.38 5.86
C GLY A 120 3.54 -2.02 6.89
N HIS A 121 4.68 -2.69 6.80
CA HIS A 121 5.78 -2.43 7.73
C HIS A 121 6.47 -1.09 7.48
N HIS A 122 7.08 -0.59 8.54
CA HIS A 122 7.82 0.66 8.51
C HIS A 122 9.07 0.43 9.38
N VAL A 123 10.05 -0.29 8.83
CA VAL A 123 11.28 -0.59 9.56
C VAL A 123 12.39 0.42 9.31
N GLY A 124 12.15 1.34 8.38
CA GLY A 124 13.13 2.37 8.08
C GLY A 124 14.26 2.01 7.14
N ASP A 125 13.99 1.11 6.19
CA ASP A 125 15.02 0.72 5.22
C ASP A 125 14.52 1.08 3.82
N ASN A 126 13.61 2.06 3.77
CA ASN A 126 13.04 2.55 2.53
C ASN A 126 12.31 1.50 1.70
N THR A 127 11.51 0.67 2.38
CA THR A 127 10.73 -0.35 1.68
C THR A 127 9.35 -0.44 2.30
N MET A 128 8.42 -1.06 1.57
CA MET A 128 7.05 -1.24 2.03
C MET A 128 6.39 0.11 2.35
N PHE A 129 5.94 0.31 3.59
CA PHE A 129 5.30 1.58 3.93
C PHE A 129 6.20 2.64 4.58
N ASP A 130 7.52 2.53 4.38
CA ASP A 130 8.42 3.52 4.96
C ASP A 130 8.07 4.89 4.36
N VAL A 131 7.56 4.86 3.13
CA VAL A 131 7.22 6.07 2.41
C VAL A 131 6.13 6.90 3.09
N LEU A 132 5.26 6.26 3.88
CA LEU A 132 4.20 6.99 4.56
C LEU A 132 4.76 8.08 5.46
N GLU A 133 5.94 7.85 6.02
CA GLU A 133 6.56 8.84 6.90
C GLU A 133 6.88 10.12 6.13
N ASP A 134 7.24 9.98 4.85
CA ASP A 134 7.56 11.14 4.01
C ASP A 134 6.37 12.07 3.81
N TYR A 135 5.16 11.52 3.92
CA TYR A 135 3.95 12.31 3.74
C TYR A 135 3.68 13.26 4.90
N LEU A 136 4.47 13.18 5.96
CA LEU A 136 4.29 14.09 7.09
C LEU A 136 4.88 15.46 6.77
N LYS A 137 5.57 15.55 5.65
CA LYS A 137 6.19 16.80 5.20
C LYS A 137 5.35 17.38 4.06
N GLN A 138 4.98 18.65 4.18
CA GLN A 138 4.16 19.31 3.17
C GLN A 138 4.80 19.26 1.78
N SER A 139 6.11 19.51 1.72
CA SER A 139 6.85 19.51 0.46
C SER A 139 6.70 18.20 -0.30
N PHE A 140 6.84 17.09 0.41
CA PHE A 140 6.74 15.78 -0.21
C PHE A 140 5.31 15.53 -0.68
N TYR A 141 4.34 15.83 0.19
CA TYR A 141 2.94 15.65 -0.16
C TYR A 141 2.58 16.35 -1.48
N GLU A 142 2.94 17.63 -1.57
CA GLU A 142 2.65 18.42 -2.76
C GLU A 142 3.12 17.76 -4.05
N LYS A 143 4.25 17.05 -3.98
CA LYS A 143 4.81 16.41 -5.15
C LYS A 143 4.42 14.94 -5.29
N HIS A 144 3.58 14.45 -4.38
CA HIS A 144 3.14 13.05 -4.41
C HIS A 144 1.68 12.94 -4.00
N LYS A 145 0.84 13.82 -4.54
CA LYS A 145 -0.58 13.84 -4.18
C LYS A 145 -1.39 12.65 -4.69
N ILE A 146 -0.90 11.99 -5.74
CA ILE A 146 -1.59 10.86 -6.34
C ILE A 146 -0.81 9.56 -6.27
N ILE A 147 -1.47 8.53 -5.75
CA ILE A 147 -0.90 7.19 -5.65
C ILE A 147 -1.74 6.28 -6.55
N GLU A 148 -1.10 5.37 -7.26
CA GLU A 148 -1.81 4.45 -8.14
C GLU A 148 -2.26 3.21 -7.37
N PHE A 149 -3.51 2.80 -7.58
CA PHE A 149 -4.02 1.58 -6.92
C PHE A 149 -4.87 0.83 -7.94
N ASP A 150 -4.48 -0.40 -8.24
CA ASP A 150 -5.24 -1.22 -9.18
C ASP A 150 -5.64 -2.54 -8.55
N ASN A 151 -6.71 -3.12 -9.09
CA ASN A 151 -7.18 -4.42 -8.63
C ASN A 151 -7.86 -5.06 -9.84
N LYS A 152 -8.32 -6.30 -9.69
CA LYS A 152 -8.95 -7.01 -10.80
C LYS A 152 -10.21 -6.36 -11.34
N TYR A 153 -10.83 -5.49 -10.56
CA TYR A 153 -12.06 -4.86 -10.99
C TYR A 153 -11.95 -3.40 -11.44
N GLY A 154 -10.74 -2.86 -11.46
CA GLY A 154 -10.59 -1.48 -11.89
C GLY A 154 -9.26 -0.83 -11.59
N LYS A 155 -9.04 0.33 -12.20
CA LYS A 155 -7.82 1.12 -12.03
C LYS A 155 -8.19 2.40 -11.28
N TYR A 156 -7.51 2.67 -10.18
CA TYR A 156 -7.83 3.84 -9.37
C TYR A 156 -6.64 4.73 -9.03
N GLN A 157 -6.96 5.92 -8.55
CA GLN A 157 -5.94 6.86 -8.10
C GLN A 157 -6.35 7.20 -6.68
N LEU A 158 -5.37 7.35 -5.81
CA LEU A 158 -5.64 7.69 -4.41
C LEU A 158 -5.21 9.14 -4.25
N GLN A 159 -6.16 10.01 -3.96
CA GLN A 159 -5.89 11.43 -3.78
C GLN A 159 -5.68 11.69 -2.30
N VAL A 160 -4.42 11.70 -1.88
CA VAL A 160 -4.04 11.93 -0.49
C VAL A 160 -4.58 13.24 0.05
N PHE A 161 -5.19 13.21 1.23
CA PHE A 161 -5.73 14.42 1.84
C PHE A 161 -5.43 14.54 3.34
N SER A 162 -4.77 13.52 3.90
CA SER A 162 -4.41 13.54 5.32
C SER A 162 -3.24 12.60 5.66
N ALA A 163 -2.37 13.06 6.55
CA ALA A 163 -1.23 12.27 7.01
C ALA A 163 -0.96 12.67 8.45
N TYR A 164 -0.87 11.69 9.34
CA TYR A 164 -0.63 11.98 10.74
C TYR A 164 -0.05 10.78 11.47
N LYS A 165 0.44 11.01 12.68
CA LYS A 165 1.00 9.94 13.50
C LYS A 165 0.09 9.71 14.70
N THR A 166 -0.11 8.45 15.06
CA THR A 166 -0.93 8.09 16.20
C THR A 166 -0.24 6.96 16.96
N THR A 167 -0.95 6.31 17.87
CA THR A 167 -0.35 5.22 18.65
C THR A 167 -0.59 3.87 18.00
N THR A 168 -0.01 2.82 18.58
CA THR A 168 -0.19 1.48 18.05
C THR A 168 -1.37 0.82 18.76
N LYS A 169 -2.00 1.58 19.65
CA LYS A 169 -3.14 1.11 20.41
C LYS A 169 -4.41 1.26 19.58
N ASP A 170 -4.41 2.25 18.70
CA ASP A 170 -5.54 2.53 17.81
C ASP A 170 -5.68 1.40 16.79
N ASN A 171 -6.10 0.23 17.25
CA ASN A 171 -6.24 -0.92 16.36
C ASN A 171 -7.59 -1.22 15.74
N TYR A 172 -8.62 -0.44 16.03
CA TYR A 172 -9.92 -0.70 15.43
C TYR A 172 -10.34 0.40 14.48
N ILE A 173 -10.29 0.11 13.19
CA ILE A 173 -10.68 1.08 12.17
C ILE A 173 -11.96 0.61 11.47
N ARG A 174 -12.92 1.52 11.35
CA ARG A 174 -14.19 1.21 10.70
C ARG A 174 -14.06 1.17 9.19
N THR A 175 -14.72 0.20 8.57
CA THR A 175 -14.69 0.07 7.10
C THR A 175 -15.96 0.73 6.57
N ASP A 176 -16.99 0.77 7.41
CA ASP A 176 -18.26 1.38 7.04
C ASP A 176 -18.86 2.03 8.29
N PHE A 177 -19.79 2.96 8.11
CA PHE A 177 -20.37 3.66 9.25
C PHE A 177 -21.88 3.51 9.40
N GLU A 178 -22.34 3.70 10.63
CA GLU A 178 -23.75 3.59 10.98
C GLU A 178 -24.62 4.54 10.17
N ASN A 179 -24.12 5.76 9.94
CA ASN A 179 -24.86 6.76 9.20
C ASN A 179 -23.92 7.82 8.64
N ASP A 180 -24.48 8.72 7.84
CA ASP A 180 -23.70 9.81 7.25
C ASP A 180 -23.06 10.72 8.31
N GLN A 181 -23.74 10.90 9.43
CA GLN A 181 -23.20 11.75 10.48
C GLN A 181 -21.88 11.22 11.01
N ASP A 182 -21.81 9.91 11.24
CA ASP A 182 -20.58 9.30 11.75
C ASP A 182 -19.48 9.32 10.69
N TYR A 183 -19.87 9.10 9.42
CA TYR A 183 -18.88 9.11 8.36
C TYR A 183 -18.36 10.55 8.21
N GLN A 184 -19.28 11.52 8.27
CA GLN A 184 -18.89 12.92 8.16
C GLN A 184 -17.93 13.28 9.30
N GLN A 185 -18.21 12.77 10.49
CA GLN A 185 -17.35 13.05 11.65
C GLN A 185 -15.96 12.46 11.43
N PHE A 186 -15.92 11.27 10.83
CA PHE A 186 -14.65 10.60 10.55
C PHE A 186 -13.83 11.42 9.57
N LEU A 187 -14.48 11.88 8.50
CA LEU A 187 -13.79 12.67 7.49
C LEU A 187 -13.29 13.97 8.11
N ASP A 188 -14.13 14.64 8.88
CA ASP A 188 -13.74 15.88 9.54
C ASP A 188 -12.58 15.66 10.49
N GLU A 189 -12.65 14.58 11.26
CA GLU A 189 -11.63 14.25 12.24
C GLU A 189 -10.31 13.93 11.52
N THR A 190 -10.42 13.25 10.39
CA THR A 190 -9.26 12.88 9.60
C THR A 190 -8.51 14.11 9.10
N LYS A 191 -9.27 15.10 8.62
CA LYS A 191 -8.63 16.32 8.14
C LYS A 191 -8.07 17.12 9.32
N ARG A 192 -8.81 17.10 10.43
CA ARG A 192 -8.40 17.80 11.63
C ARG A 192 -7.04 17.31 12.13
N LYS A 193 -6.83 16.00 12.11
CA LYS A 193 -5.58 15.40 12.59
C LYS A 193 -4.38 15.56 11.65
N SER A 194 -4.66 15.79 10.37
CA SER A 194 -3.60 15.92 9.37
C SER A 194 -2.56 16.99 9.68
N VAL A 195 -1.30 16.62 9.53
CA VAL A 195 -0.19 17.54 9.76
C VAL A 195 0.19 18.25 8.46
N ILE A 196 -0.50 17.88 7.38
CA ILE A 196 -0.26 18.53 6.10
C ILE A 196 -1.59 19.11 5.64
N ASN A 197 -1.53 20.21 4.91
CA ASN A 197 -2.74 20.85 4.42
C ASN A 197 -3.07 20.36 3.02
N SER A 198 -4.34 20.01 2.81
CA SER A 198 -4.78 19.52 1.50
C SER A 198 -6.01 20.29 1.02
N ASP A 199 -6.15 20.41 -0.30
CA ASP A 199 -7.28 21.11 -0.88
C ASP A 199 -8.24 20.13 -1.54
N VAL A 200 -8.16 18.87 -1.14
CA VAL A 200 -9.00 17.81 -1.69
C VAL A 200 -10.38 17.80 -1.06
N ASN A 201 -11.41 17.80 -1.91
CA ASN A 201 -12.78 17.78 -1.42
C ASN A 201 -13.25 16.34 -1.28
N VAL A 202 -13.51 15.92 -0.05
CA VAL A 202 -13.97 14.58 0.22
C VAL A 202 -15.31 14.68 0.93
N THR A 203 -16.33 14.02 0.40
CA THR A 203 -17.66 14.07 0.98
C THR A 203 -18.13 12.68 1.41
N VAL A 204 -19.27 12.61 2.08
CA VAL A 204 -19.80 11.33 2.52
C VAL A 204 -20.22 10.45 1.34
N LYS A 205 -20.27 11.02 0.14
CA LYS A 205 -20.65 10.26 -1.04
C LYS A 205 -19.43 9.56 -1.62
N ASP A 206 -18.24 9.96 -1.15
CA ASP A 206 -16.99 9.40 -1.63
C ASP A 206 -16.50 8.19 -0.85
N ARG A 207 -15.51 7.51 -1.41
CA ARG A 207 -14.91 6.34 -0.75
C ARG A 207 -13.46 6.71 -0.47
N ILE A 208 -12.91 6.19 0.62
CA ILE A 208 -11.53 6.52 0.96
C ILE A 208 -10.70 5.27 1.21
N MET A 209 -9.39 5.46 1.19
CA MET A 209 -8.46 4.38 1.46
C MET A 209 -7.53 4.86 2.56
N THR A 210 -7.35 4.02 3.56
CA THR A 210 -6.47 4.34 4.67
C THR A 210 -5.23 3.48 4.53
N LEU A 211 -4.06 4.12 4.62
CA LEU A 211 -2.78 3.41 4.55
C LEU A 211 -2.20 3.57 5.95
N SER A 212 -1.91 2.44 6.61
CA SER A 212 -1.39 2.50 7.96
C SER A 212 -0.17 1.61 8.17
N THR A 213 0.81 2.12 8.90
CA THR A 213 1.97 1.31 9.21
C THR A 213 1.46 0.27 10.20
N CYS A 214 2.12 -0.88 10.24
CA CYS A 214 1.73 -1.97 11.11
C CYS A 214 2.99 -2.63 11.63
N GLU A 215 3.00 -2.98 12.91
CA GLU A 215 4.19 -3.58 13.49
C GLU A 215 4.05 -5.04 13.90
N ASP A 216 5.20 -5.64 14.21
CA ASP A 216 5.21 -7.03 14.63
C ASP A 216 4.53 -7.20 15.97
N ALA A 217 4.14 -8.44 16.25
CA ALA A 217 3.50 -8.76 17.52
C ALA A 217 4.53 -8.54 18.61
N TYR A 218 4.10 -8.00 19.75
CA TYR A 218 4.97 -7.74 20.89
C TYR A 218 6.20 -6.95 20.50
N SER A 219 5.98 -5.87 19.76
CA SER A 219 7.04 -4.99 19.30
C SER A 219 7.16 -3.81 20.26
N GLU A 220 8.26 -3.07 20.16
CA GLU A 220 8.49 -1.92 21.01
C GLU A 220 7.99 -0.62 20.37
N THR A 221 7.74 -0.68 19.07
CA THR A 221 7.25 0.49 18.34
C THR A 221 6.01 1.02 19.03
N THR A 222 5.94 2.33 19.22
CA THR A 222 4.79 2.94 19.89
C THR A 222 3.96 3.81 18.98
N LYS A 223 4.51 4.21 17.85
CA LYS A 223 3.78 5.07 16.93
C LYS A 223 3.48 4.47 15.58
N ARG A 224 2.38 4.93 15.00
CA ARG A 224 1.94 4.48 13.68
C ARG A 224 1.73 5.72 12.84
N ILE A 225 2.00 5.60 11.54
CA ILE A 225 1.81 6.70 10.62
C ILE A 225 0.61 6.33 9.75
N VAL A 226 -0.32 7.27 9.61
CA VAL A 226 -1.52 7.04 8.83
C VAL A 226 -1.65 8.06 7.71
N VAL A 227 -1.98 7.58 6.52
CA VAL A 227 -2.17 8.44 5.37
C VAL A 227 -3.55 8.05 4.81
N VAL A 228 -4.41 9.04 4.63
CA VAL A 228 -5.75 8.76 4.13
C VAL A 228 -5.96 9.45 2.80
N ALA A 229 -6.61 8.76 1.86
CA ALA A 229 -6.83 9.31 0.53
C ALA A 229 -8.24 9.07 -0.01
N LYS A 230 -8.63 9.90 -0.97
CA LYS A 230 -9.92 9.78 -1.63
C LYS A 230 -9.71 8.87 -2.83
N ILE A 231 -10.61 7.91 -3.03
CA ILE A 231 -10.48 6.98 -4.16
C ILE A 231 -11.16 7.51 -5.41
N ILE A 232 -10.37 7.64 -6.48
CA ILE A 232 -10.85 8.14 -7.77
C ILE A 232 -10.77 7.02 -8.81
N LYS A 233 -11.86 6.77 -9.53
CA LYS A 233 -11.89 5.74 -10.56
C LYS A 233 -11.27 6.28 -11.84
N VAL A 234 -10.25 5.60 -12.34
CA VAL A 234 -9.56 6.01 -13.56
C VAL A 234 -10.19 5.37 -14.79
N SER A 235 -10.24 4.05 -14.81
CA SER A 235 -10.81 3.32 -15.94
C SER A 235 -11.41 2.00 -15.46
#